data_8T9L
#
_entry.id   8T9L
#
loop_
_entity.id
_entity.type
_entity.pdbx_description
1 polymer 'Nucleoporin POM152'
2 polymer 'Nucleoporin POM34'
#
loop_
_entity_poly.entity_id
_entity_poly.type
_entity_poly.pdbx_seq_one_letter_code
_entity_poly.pdbx_strand_id
1 'polypeptide(L)'
;MEHRYNVFNDTPRGNHWMGSSVSGSPRPSYSSRPNVNTTRRFQYSDDEPAEKIRPLRSRSFKSTESNISDEKSRISERDS
KDRYINGDKKVDIYSLPLISTDVLEISKQRTFAVILFLIIQCYKIYDLVILKSGLPLSGLLFKNYRFNFISKYFIIDSFF
LYVLPSFNIPRLTFKPWVVYLQILAMLLLNIFISSDHEFVLISLIMTTWRKLYTKELSVTGSAINHHRIFDSSAHFKGAL
TIKILPENTAMFNPLHESYCLPMDTNLFKINSIDVPIRINSTEEIEYIELEYRDLYTNSVELRSLSKKDFKIIDNPKSFL
KKDQSVLKSHSNDFEEGSTIRYLAVTLQDIGFYQIKKIVDSKKLNLKIHQSHLVVPYCPIASITGTGSNDRCIGDSDNVS
FEIQGVPPMKLAYSKIVNGQTFSYVDSSLQPEYFESPLQSSKSKQSFTQGELNDLKWGRNQPVNINLDSSITQDGKFAYK
IDKITDGLGNVVDFTSLPEELKKRYDLSYNFNVHEVPRAALEERFDPKSPTKRSIAIVFEEIKNWISDIPYVISLSYTDA
QDKSKKIMNVTTDSLTKVLQADLPGSYNLEYIESKFCPGEIVGKSNVLVTMPVAPTMEVKSFPILDQCVGQVGLNFELSF
TGAPPYYYNTKIYKLENGERKLYDAKRYTSEGTRNRFSYSPPKEGNYEIVFDTVSNKLFTEPIKLEPVKEYTFKTSMRVK
PSASLKLHHDLKLCLGDHSSVPVALKGQGPFTLTYDIIETFSSKRKTFEIKEIKTNEYVIKTPVFTTGGDYILSLVSIKD
STGCVVGLSQPDAKIQVRRDIPSAAFNFFEPIKEAKIKHGSVTEIPLKLSGEGPFTVKFKHMDYDGNIVKEFENKFQNSY
KPALKVSKEGLYQLVDIRDSSCQGNVIYRNSLYKVSFLEKPKFAIQDNHHITKVTENLFSKEEVCQGMEGTVDLALFGSP
PFILEYDLMAPNGHISTKKIQVATKYASLKLPNQIPGEYITTIKAIFDGNYGESDIHFREHQSELIIKQTVHPIPDVAFA
DGGKTLRACAANVDQISFLEPINLKFLQGESPFSITFSVYHESTSRTDQYTIDNIDSENFSFEKLYEGMKLGNHAITIDS
VVDANGCVNSLISGPRNQILVSITDAPKIHILDPSTEYCVGDYVAYQLNGVAPFMIKYEFNGIPLKSKERSSQFVRLASE
PGIISITSLQDSSSQCIVDFTNPKLKSEFDDLSLNIHPIPSVTVSQGNYVTEDIREGDQAEVIFSFEGTPPFSLTYVRTE
ETDGKHGKRRSQVVETHKVTDIYSHEYKVITSLQGTYEAIEITDAYCFAKNDLFFNN
;
B,D
2 'polypeptide(L)'
;MKIQAGQLGLDDNDVPGPLPDTDSKPSSQSQNDTPMFKLGNFESPVLKELSRRTVNKEMETQRIMTNVIAFAFWNLLVKF
IKFFWNNTHVGRQFCNRLSRIHLYMLTFHTLKKANIIYHTTFSWLNAELLDYLFHLLISLNILFSLWKLLSTVKVSDLNL
TDRQKKLLGVDMQSSVDTGLQPQHPHYVSTSKISQMAQNKTHIPQTNLKNHPAYLFKGLETPLKARQREMAEEQTKLQSQ
SLHTKNVFGTLQRHSGISSTLVSANNDNNSPHTPVTRKGYIPSSKYAYMMNSQSPRGKI
;
A,C
#
# COMPACT_ATOMS: atom_id res chain seq x y z
N GLU A 105 -32.88 9.25 -1.11
CA GLU A 105 -32.97 7.78 -1.12
C GLU A 105 -32.24 7.16 0.10
N ILE A 106 -32.76 6.05 0.63
CA ILE A 106 -32.13 5.28 1.73
C ILE A 106 -30.64 4.97 1.44
N SER A 107 -30.31 4.69 0.18
CA SER A 107 -28.94 4.44 -0.29
C SER A 107 -28.00 5.64 -0.04
N LYS A 108 -28.50 6.86 -0.28
CA LYS A 108 -27.80 8.13 -0.12
C LYS A 108 -27.73 8.55 1.34
N GLN A 109 -28.80 8.36 2.13
CA GLN A 109 -28.80 8.59 3.58
C GLN A 109 -27.71 7.77 4.28
N ARG A 110 -27.63 6.46 3.97
CA ARG A 110 -26.55 5.57 4.46
C ARG A 110 -25.17 6.07 4.04
N THR A 111 -25.02 6.48 2.78
CA THR A 111 -23.76 7.00 2.25
C THR A 111 -23.34 8.29 2.96
N PHE A 112 -24.27 9.20 3.23
CA PHE A 112 -24.03 10.45 3.95
C PHE A 112 -23.60 10.21 5.40
N ALA A 113 -24.27 9.29 6.12
CA ALA A 113 -23.88 8.90 7.48
C ALA A 113 -22.46 8.29 7.53
N VAL A 114 -22.10 7.46 6.55
CA VAL A 114 -20.73 6.91 6.41
C VAL A 114 -19.71 7.99 6.08
N ILE A 115 -20.03 8.95 5.20
CA ILE A 115 -19.16 10.08 4.89
C ILE A 115 -18.92 10.94 6.14
N LEU A 116 -19.96 11.26 6.91
CA LEU A 116 -19.85 12.06 8.13
C LEU A 116 -18.99 11.34 9.19
N PHE A 117 -19.16 10.02 9.34
CA PHE A 117 -18.27 9.21 10.19
C PHE A 117 -16.81 9.25 9.71
N LEU A 118 -16.56 9.10 8.40
CA LEU A 118 -15.21 9.18 7.83
C LEU A 118 -14.55 10.55 8.07
N ILE A 119 -15.31 11.64 7.96
CA ILE A 119 -14.82 13.00 8.27
C ILE A 119 -14.39 13.10 9.75
N ILE A 120 -15.21 12.57 10.68
CA ILE A 120 -14.86 12.52 12.11
C ILE A 120 -13.58 11.69 12.34
N GLN A 121 -13.45 10.51 11.72
CA GLN A 121 -12.25 9.68 11.88
C GLN A 121 -11.00 10.29 11.21
N CYS A 122 -11.14 11.01 10.09
CA CYS A 122 -10.03 11.77 9.50
C CYS A 122 -9.55 12.91 10.43
N TYR A 123 -10.48 13.64 11.06
CA TYR A 123 -10.13 14.65 12.05
C TYR A 123 -9.43 14.02 13.27
N LYS A 124 -9.88 12.84 13.72
CA LYS A 124 -9.21 12.06 14.78
C LYS A 124 -7.78 11.65 14.41
N ILE A 125 -7.54 11.21 13.17
CA ILE A 125 -6.19 10.85 12.71
C ILE A 125 -5.29 12.10 12.68
N TYR A 126 -5.80 13.26 12.31
CA TYR A 126 -5.06 14.53 12.37
C TYR A 126 -4.66 14.90 13.81
N ASP A 127 -5.62 14.92 14.73
CA ASP A 127 -5.36 15.20 16.15
C ASP A 127 -4.41 14.17 16.78
N LEU A 128 -4.46 12.91 16.33
CA LEU A 128 -3.53 11.86 16.75
C LEU A 128 -2.09 12.10 16.25
N VAL A 129 -1.92 12.59 15.02
CA VAL A 129 -0.61 12.96 14.49
C VAL A 129 -0.03 14.15 15.26
N ILE A 130 -0.87 15.13 15.65
CA ILE A 130 -0.50 16.21 16.59
C ILE A 130 -0.08 15.63 17.95
N LEU A 131 -0.87 14.71 18.50
CA LEU A 131 -0.60 14.05 19.77
C LEU A 131 0.76 13.32 19.77
N LYS A 132 1.04 12.56 18.72
CA LYS A 132 2.25 11.74 18.58
C LYS A 132 3.49 12.54 18.12
N SER A 133 3.29 13.76 17.61
CA SER A 133 4.38 14.74 17.38
C SER A 133 4.65 15.63 18.60
N GLY A 134 3.93 15.44 19.71
CA GLY A 134 4.13 16.19 20.97
C GLY A 134 3.61 17.63 20.94
N LEU A 135 2.84 18.00 19.91
CA LEU A 135 2.25 19.32 19.79
C LEU A 135 1.05 19.49 20.74
N PRO A 136 0.80 20.71 21.28
CA PRO A 136 -0.27 20.93 22.25
C PRO A 136 -1.64 20.78 21.59
N LEU A 137 -2.36 19.71 21.96
CA LEU A 137 -3.81 19.72 21.99
C LEU A 137 -4.30 20.37 23.29
N SER A 138 -5.60 20.65 23.36
CA SER A 138 -6.18 21.27 24.54
C SER A 138 -7.13 20.33 25.27
N GLY A 139 -6.56 19.43 26.08
CA GLY A 139 -7.34 18.48 26.83
C GLY A 139 -8.32 17.71 25.97
N LEU A 140 -9.57 17.63 26.43
CA LEU A 140 -10.89 17.23 25.97
C LEU A 140 -11.80 18.46 25.86
N LEU A 141 -11.98 19.18 26.95
CA LEU A 141 -12.83 20.37 26.94
C LEU A 141 -12.36 21.45 27.94
N PHE A 142 -12.50 21.20 29.24
CA PHE A 142 -12.12 22.18 30.26
C PHE A 142 -11.62 21.49 31.53
N LYS A 143 -10.91 22.25 32.37
CA LYS A 143 -10.40 21.73 33.64
C LYS A 143 -11.28 22.05 34.88
N ASN A 144 -12.41 22.72 34.69
CA ASN A 144 -13.29 23.04 35.81
C ASN A 144 -14.24 21.88 36.12
N TYR A 145 -13.97 21.15 37.21
CA TYR A 145 -14.74 20.02 37.73
C TYR A 145 -16.27 20.29 37.78
N ARG A 146 -16.69 21.49 38.19
CA ARG A 146 -18.12 21.91 38.22
C ARG A 146 -18.77 21.96 36.85
N PHE A 147 -18.09 22.57 35.88
CA PHE A 147 -18.59 22.60 34.50
C PHE A 147 -18.64 21.19 33.91
N ASN A 148 -17.69 20.33 34.30
CA ASN A 148 -17.70 18.93 33.92
C ASN A 148 -18.94 18.19 34.44
N PHE A 149 -19.29 18.37 35.72
CA PHE A 149 -20.54 17.85 36.31
C PHE A 149 -21.78 18.36 35.57
N ILE A 150 -21.89 19.68 35.38
CA ILE A 150 -23.04 20.31 34.73
C ILE A 150 -23.21 19.80 33.29
N SER A 151 -22.12 19.73 32.51
CA SER A 151 -22.16 19.23 31.13
C SER A 151 -22.48 17.74 31.02
N LYS A 152 -21.89 16.91 31.89
CA LYS A 152 -22.16 15.46 31.97
C LYS A 152 -23.63 15.17 32.27
N TYR A 153 -24.22 15.83 33.28
CA TYR A 153 -25.62 15.63 33.63
C TYR A 153 -26.60 16.35 32.71
N PHE A 154 -26.21 17.47 32.10
CA PHE A 154 -27.00 18.06 31.02
C PHE A 154 -27.18 17.05 29.87
N ILE A 155 -26.13 16.36 29.43
CA ILE A 155 -26.23 15.33 28.38
C ILE A 155 -27.11 14.16 28.85
N ILE A 156 -26.86 13.60 30.04
CA ILE A 156 -27.57 12.41 30.53
C ILE A 156 -29.06 12.69 30.83
N ASP A 157 -29.39 13.75 31.57
CA ASP A 157 -30.79 14.10 31.87
C ASP A 157 -31.54 14.50 30.59
N SER A 158 -30.90 15.25 29.68
CA SER A 158 -31.54 15.65 28.41
C SER A 158 -31.83 14.44 27.53
N PHE A 159 -30.88 13.50 27.41
CA PHE A 159 -31.10 12.27 26.66
C PHE A 159 -32.25 11.44 27.24
N PHE A 160 -32.29 11.25 28.55
CA PHE A 160 -33.38 10.52 29.21
C PHE A 160 -34.75 11.20 28.99
N LEU A 161 -34.86 12.51 29.25
CA LEU A 161 -36.11 13.25 29.10
C LEU A 161 -36.57 13.38 27.65
N TYR A 162 -35.64 13.44 26.69
CA TYR A 162 -35.95 13.50 25.26
C TYR A 162 -36.46 12.16 24.71
N VAL A 163 -35.88 11.03 25.15
CA VAL A 163 -36.27 9.68 24.70
C VAL A 163 -37.52 9.15 25.43
N LEU A 164 -37.80 9.62 26.64
CA LEU A 164 -38.92 9.15 27.47
C LEU A 164 -40.32 9.31 26.81
N PRO A 165 -40.66 10.42 26.15
CA PRO A 165 -41.88 10.55 25.34
C PRO A 165 -41.94 9.55 24.17
N SER A 166 -40.80 9.20 23.56
CA SER A 166 -40.75 8.28 22.41
C SER A 166 -41.22 6.87 22.75
N PHE A 167 -41.27 6.47 24.02
CA PHE A 167 -41.86 5.18 24.43
C PHE A 167 -43.40 5.17 24.47
N ASN A 168 -44.00 6.36 24.34
CA ASN A 168 -45.46 6.53 24.37
C ASN A 168 -46.14 5.75 25.51
N ILE A 169 -45.48 5.73 26.67
CA ILE A 169 -45.97 4.98 27.83
C ILE A 169 -46.79 5.81 28.83
N PRO A 170 -48.09 5.49 28.97
CA PRO A 170 -48.91 6.20 29.95
C PRO A 170 -49.18 5.33 31.17
N ARG A 171 -48.21 4.49 31.53
CA ARG A 171 -48.42 3.05 31.64
C ARG A 171 -47.93 2.49 32.97
N LEU A 172 -48.80 2.51 33.98
CA LEU A 172 -48.46 1.97 35.30
C LEU A 172 -49.26 0.70 35.56
N THR A 173 -48.95 -0.36 34.83
CA THR A 173 -49.65 -1.62 34.98
C THR A 173 -48.74 -2.84 34.76
N PHE A 174 -48.12 -3.35 35.83
CA PHE A 174 -47.26 -4.52 35.68
C PHE A 174 -48.03 -5.82 35.97
N LYS A 175 -47.59 -6.92 35.37
CA LYS A 175 -48.17 -8.23 35.66
C LYS A 175 -47.69 -8.57 37.08
N PRO A 176 -48.52 -9.27 37.89
CA PRO A 176 -48.30 -9.59 39.32
C PRO A 176 -46.95 -9.28 40.00
N TRP A 177 -45.83 -9.74 39.47
CA TRP A 177 -44.53 -9.45 40.06
C TRP A 177 -43.53 -9.03 38.99
N VAL A 178 -43.33 -7.72 38.84
CA VAL A 178 -42.39 -7.24 37.81
C VAL A 178 -41.56 -5.99 38.15
N VAL A 179 -40.25 -6.22 38.28
CA VAL A 179 -39.17 -5.24 38.54
C VAL A 179 -39.21 -4.07 39.55
N TYR A 180 -38.12 -3.29 39.47
CA TYR A 180 -37.73 -2.13 40.27
C TYR A 180 -37.58 -2.50 41.74
N LEU A 181 -38.56 -3.22 42.27
CA LEU A 181 -38.54 -3.63 43.67
C LEU A 181 -37.31 -4.45 43.98
N GLN A 182 -37.00 -5.42 43.12
CA GLN A 182 -35.84 -6.28 43.30
C GLN A 182 -34.56 -5.47 43.38
N ILE A 183 -34.41 -4.53 42.44
CA ILE A 183 -33.22 -3.68 42.39
C ILE A 183 -33.05 -2.91 43.69
N LEU A 184 -34.13 -2.31 44.17
CA LEU A 184 -34.09 -1.54 45.41
C LEU A 184 -33.62 -2.39 46.58
N ALA A 185 -34.31 -3.53 46.71
CA ALA A 185 -34.13 -4.50 47.80
C ALA A 185 -32.71 -5.00 48.08
N MET A 186 -32.31 -6.03 47.34
CA MET A 186 -30.99 -6.65 47.48
C MET A 186 -29.89 -5.60 47.50
N LEU A 187 -29.89 -4.73 46.50
CA LEU A 187 -28.92 -3.66 46.39
C LEU A 187 -28.80 -2.85 47.68
N LEU A 188 -29.89 -2.21 48.11
CA LEU A 188 -29.77 -1.37 49.31
C LEU A 188 -29.49 -2.15 50.58
N LEU A 189 -29.97 -3.39 50.65
CA LEU A 189 -29.75 -4.21 51.83
C LEU A 189 -28.24 -4.35 51.94
N ASN A 190 -27.64 -4.80 50.83
CA ASN A 190 -26.20 -4.98 50.74
C ASN A 190 -25.50 -3.69 51.12
N ILE A 191 -25.93 -2.57 50.53
CA ILE A 191 -25.33 -1.27 50.82
C ILE A 191 -25.29 -0.98 52.31
N PHE A 192 -26.46 -1.02 52.96
CA PHE A 192 -26.56 -0.73 54.38
C PHE A 192 -25.66 -1.66 55.19
N ILE A 193 -25.73 -2.95 54.86
CA ILE A 193 -24.94 -3.96 55.57
C ILE A 193 -23.47 -3.57 55.51
N SER A 194 -22.99 -3.38 54.29
CA SER A 194 -21.61 -3.00 54.03
C SER A 194 -21.23 -1.79 54.84
N SER A 195 -22.05 -0.75 54.77
CA SER A 195 -21.80 0.49 55.51
C SER A 195 -21.59 0.23 56.99
N ASP A 196 -22.57 -0.41 57.62
CA ASP A 196 -22.49 -0.70 59.05
C ASP A 196 -21.23 -1.50 59.38
N HIS A 197 -21.00 -2.54 58.59
CA HIS A 197 -19.87 -3.42 58.75
C HIS A 197 -18.60 -2.59 58.75
N GLU A 198 -18.40 -1.82 57.69
CA GLU A 198 -17.22 -0.97 57.53
C GLU A 198 -17.04 -0.08 58.74
N PHE A 199 -18.11 0.60 59.15
CA PHE A 199 -18.06 1.49 60.31
C PHE A 199 -17.50 0.77 61.53
N VAL A 200 -18.17 -0.32 61.92
CA VAL A 200 -17.72 -1.09 63.09
C VAL A 200 -16.28 -1.57 62.93
N LEU A 201 -15.98 -2.07 61.74
CA LEU A 201 -14.68 -2.57 61.36
C LEU A 201 -13.65 -1.54 61.69
N ILE A 202 -13.76 -0.34 61.10
CA ILE A 202 -12.81 0.75 61.34
C ILE A 202 -12.70 0.98 62.84
N SER A 203 -13.86 1.21 63.45
CA SER A 203 -13.97 1.45 64.89
C SER A 203 -13.16 0.51 65.80
N LEU A 204 -13.14 -0.79 65.51
CA LEU A 204 -12.38 -1.70 66.38
C LEU A 204 -11.25 -2.49 65.73
N ILE A 205 -10.87 -2.13 64.50
CA ILE A 205 -9.82 -2.86 63.78
C ILE A 205 -8.75 -1.94 63.18
N MET A 206 -8.85 -0.65 63.51
CA MET A 206 -7.91 0.43 63.22
C MET A 206 -7.58 1.36 64.40
N THR A 207 -8.61 2.02 64.91
CA THR A 207 -8.49 2.99 66.01
C THR A 207 -7.71 2.37 67.18
N THR A 208 -8.08 1.16 67.54
CA THR A 208 -7.43 0.44 68.63
C THR A 208 -5.93 0.30 68.38
N TRP A 209 -5.59 -0.12 67.17
CA TRP A 209 -4.18 -0.31 66.79
C TRP A 209 -3.40 0.98 66.95
N ARG A 210 -3.95 2.09 66.45
CA ARG A 210 -3.31 3.38 66.53
C ARG A 210 -3.02 3.76 67.98
N LYS A 211 -4.03 3.59 68.84
CA LYS A 211 -3.89 3.92 70.25
C LYS A 211 -2.74 3.13 70.89
N LEU A 212 -2.70 1.84 70.62
CA LEU A 212 -1.66 0.97 71.16
C LEU A 212 -0.27 1.46 70.76
N TYR A 213 -0.11 1.77 69.48
CA TYR A 213 1.17 2.25 68.96
C TYR A 213 1.62 3.52 69.69
N THR A 214 0.70 4.47 69.85
CA THR A 214 1.00 5.72 70.53
C THR A 214 1.50 5.47 71.95
N VAL B 46 -33.70 4.85 -20.39
CA VAL B 46 -33.20 6.18 -20.02
C VAL B 46 -32.60 6.19 -18.61
N LEU B 47 -33.22 5.51 -17.64
CA LEU B 47 -32.67 5.39 -16.27
C LEU B 47 -31.40 4.55 -16.22
N LYS B 48 -31.33 3.46 -16.99
CA LYS B 48 -30.11 2.65 -17.15
C LYS B 48 -28.97 3.43 -17.79
N GLU B 49 -29.29 4.24 -18.80
CA GLU B 49 -28.32 5.07 -19.51
C GLU B 49 -27.88 6.28 -18.67
N LEU B 50 -28.78 6.89 -17.89
CA LEU B 50 -28.43 7.93 -16.91
C LEU B 50 -27.56 7.39 -15.78
N SER B 51 -27.85 6.22 -15.20
CA SER B 51 -27.01 5.63 -14.14
C SER B 51 -25.63 5.26 -14.67
N ARG B 52 -25.54 4.67 -15.87
CA ARG B 52 -24.26 4.45 -16.57
C ARG B 52 -23.47 5.74 -16.78
N ARG B 53 -24.14 6.84 -17.18
CA ARG B 53 -23.50 8.16 -17.36
C ARG B 53 -23.01 8.76 -16.04
N THR B 54 -23.76 8.62 -14.95
CA THR B 54 -23.34 9.09 -13.62
C THR B 54 -22.10 8.33 -13.15
N VAL B 55 -22.12 6.98 -13.22
CA VAL B 55 -20.96 6.15 -12.84
C VAL B 55 -19.75 6.43 -13.73
N ASN B 56 -19.93 6.67 -15.03
CA ASN B 56 -18.82 7.05 -15.91
C ASN B 56 -18.25 8.43 -15.57
N LYS B 57 -19.11 9.42 -15.27
CA LYS B 57 -18.66 10.75 -14.80
C LYS B 57 -17.91 10.67 -13.47
N GLU B 58 -18.37 9.84 -12.53
CA GLU B 58 -17.69 9.62 -11.25
C GLU B 58 -16.32 8.95 -11.44
N MET B 59 -16.23 7.93 -12.30
CA MET B 59 -14.95 7.30 -12.64
C MET B 59 -13.98 8.30 -13.31
N GLU B 60 -14.50 9.21 -14.14
CA GLU B 60 -13.69 10.27 -14.75
C GLU B 60 -13.21 11.31 -13.72
N THR B 61 -14.06 11.76 -12.79
CA THR B 61 -13.63 12.67 -11.70
C THR B 61 -12.65 11.99 -10.75
N GLN B 62 -12.81 10.69 -10.47
CA GLN B 62 -11.87 9.91 -9.67
C GLN B 62 -10.49 9.87 -10.33
N ARG B 63 -10.41 9.62 -11.64
CA ARG B 63 -9.13 9.64 -12.40
C ARG B 63 -8.47 11.02 -12.36
N ILE B 64 -9.23 12.10 -12.46
CA ILE B 64 -8.71 13.48 -12.31
C ILE B 64 -8.11 13.66 -10.91
N MET B 65 -8.82 13.25 -9.86
CA MET B 65 -8.35 13.33 -8.48
C MET B 65 -7.07 12.51 -8.25
N THR B 66 -6.99 11.29 -8.76
CA THR B 66 -5.78 10.46 -8.71
C THR B 66 -4.60 11.13 -9.40
N ASN B 67 -4.79 11.76 -10.55
CA ASN B 67 -3.74 12.49 -11.26
C ASN B 67 -3.25 13.73 -10.47
N VAL B 68 -4.15 14.46 -9.81
CA VAL B 68 -3.78 15.59 -8.92
C VAL B 68 -2.96 15.11 -7.72
N ILE B 69 -3.36 13.99 -7.11
CA ILE B 69 -2.62 13.36 -6.00
C ILE B 69 -1.23 12.90 -6.47
N ALA B 70 -1.12 12.25 -7.62
CA ALA B 70 0.15 11.83 -8.20
C ALA B 70 1.08 13.01 -8.49
N PHE B 71 0.55 14.14 -9.01
CA PHE B 71 1.30 15.37 -9.20
C PHE B 71 1.81 15.95 -7.87
N ALA B 72 0.99 15.96 -6.81
CA ALA B 72 1.41 16.40 -5.48
C ALA B 72 2.53 15.53 -4.90
N PHE B 73 2.42 14.19 -5.01
CA PHE B 73 3.47 13.27 -4.61
C PHE B 73 4.78 13.48 -5.40
N TRP B 74 4.69 13.72 -6.71
CA TRP B 74 5.88 14.01 -7.51
C TRP B 74 6.55 15.33 -7.08
N ASN B 75 5.78 16.39 -6.86
CA ASN B 75 6.31 17.68 -6.38
C ASN B 75 7.04 17.51 -5.03
N LEU B 76 6.46 16.72 -4.12
CA LEU B 76 7.06 16.36 -2.83
C LEU B 76 8.33 15.53 -3.01
N LEU B 77 8.35 14.58 -3.94
CA LEU B 77 9.54 13.76 -4.25
C LEU B 77 10.69 14.61 -4.82
N VAL B 78 10.42 15.53 -5.75
CA VAL B 78 11.43 16.47 -6.28
C VAL B 78 11.98 17.38 -5.19
N LYS B 79 11.12 17.92 -4.32
CA LYS B 79 11.55 18.71 -3.16
C LYS B 79 12.38 17.88 -2.18
N PHE B 80 11.99 16.63 -1.92
CA PHE B 80 12.74 15.71 -1.07
C PHE B 80 14.12 15.41 -1.66
N ILE B 81 14.24 15.15 -2.96
CA ILE B 81 15.52 14.93 -3.65
C ILE B 81 16.41 16.18 -3.56
N LYS B 82 15.89 17.37 -3.89
CA LYS B 82 16.63 18.64 -3.78
C LYS B 82 17.08 18.91 -2.32
N PHE B 83 16.19 18.68 -1.37
CA PHE B 83 16.50 18.89 0.04
C PHE B 83 17.45 17.84 0.59
N PHE B 84 17.45 16.67 -0.02
CA PHE B 84 18.34 15.60 0.42
C PHE B 84 19.78 16.06 0.20
N TRP B 85 20.04 16.58 -1.00
CA TRP B 85 21.37 17.07 -1.38
C TRP B 85 21.46 18.59 -1.32
N ASN B 86 20.45 19.24 -0.76
CA ASN B 86 20.42 20.69 -0.68
C ASN B 86 20.34 21.27 0.74
N ASN B 87 20.81 22.50 0.86
CA ASN B 87 20.84 23.25 2.14
C ASN B 87 21.63 22.56 3.24
N THR B 88 22.72 21.90 2.86
CA THR B 88 23.58 21.20 3.79
C THR B 88 25.03 21.33 3.32
N HIS B 89 25.98 21.14 4.24
CA HIS B 89 27.40 21.20 3.89
C HIS B 89 27.66 20.21 2.77
N VAL B 90 26.68 19.33 2.57
CA VAL B 90 26.69 18.31 1.53
C VAL B 90 26.21 18.90 0.21
N GLY B 91 25.36 19.92 0.31
CA GLY B 91 24.82 20.58 -0.87
C GLY B 91 25.93 21.20 -1.70
N ARG B 92 26.84 21.90 -1.03
CA ARG B 92 27.97 22.54 -1.71
C ARG B 92 28.91 21.46 -2.24
N GLN B 93 29.06 20.39 -1.48
CA GLN B 93 29.94 19.29 -1.87
C GLN B 93 29.39 18.60 -3.12
N PHE B 94 28.07 18.49 -3.21
CA PHE B 94 27.46 17.89 -4.40
C PHE B 94 27.25 18.89 -5.55
N CYS B 95 26.05 18.89 -6.13
CA CYS B 95 25.60 19.76 -7.24
C CYS B 95 26.63 20.51 -8.10
N ASN B 96 26.73 21.82 -7.87
CA ASN B 96 27.64 22.69 -8.61
C ASN B 96 29.08 22.21 -8.62
N ARG B 97 29.64 21.97 -7.44
CA ARG B 97 31.02 21.49 -7.32
C ARG B 97 31.22 20.18 -8.07
N LEU B 98 30.26 19.26 -7.93
CA LEU B 98 30.34 17.98 -8.62
C LEU B 98 30.42 18.19 -10.13
N SER B 99 29.54 19.06 -10.63
CA SER B 99 29.51 19.38 -12.05
C SER B 99 30.84 19.95 -12.51
N ARG B 100 31.40 20.86 -11.71
CA ARG B 100 32.69 21.46 -12.02
C ARG B 100 33.76 20.39 -12.15
N ILE B 101 33.78 19.47 -11.17
CA ILE B 101 34.75 18.38 -11.18
C ILE B 101 34.61 17.56 -12.47
N HIS B 102 33.36 17.23 -12.81
CA HIS B 102 33.09 16.47 -14.01
C HIS B 102 33.67 17.19 -15.24
N LEU B 103 33.38 18.48 -15.34
CA LEU B 103 33.87 19.30 -16.44
C LEU B 103 35.38 19.22 -16.53
N TYR B 104 36.05 19.42 -15.40
CA TYR B 104 37.50 19.38 -15.36
C TYR B 104 38.01 18.04 -15.89
N MET B 105 37.45 16.94 -15.37
CA MET B 105 37.85 15.61 -15.81
C MET B 105 37.71 15.47 -17.32
N LEU B 106 36.55 15.87 -17.84
CA LEU B 106 36.28 15.79 -19.27
C LEU B 106 37.31 16.56 -20.10
N THR B 107 37.60 17.79 -19.68
CA THR B 107 38.57 18.63 -20.37
C THR B 107 39.96 18.01 -20.36
N PHE B 108 40.33 17.40 -19.24
CA PHE B 108 41.64 16.77 -19.09
C PHE B 108 41.62 15.27 -19.42
N HIS B 109 40.61 14.83 -20.17
CA HIS B 109 40.51 13.42 -20.56
C HIS B 109 41.02 13.09 -21.96
N THR B 110 42.31 12.74 -22.07
CA THR B 110 42.90 12.34 -23.35
C THR B 110 44.13 11.46 -23.13
N LEU B 111 43.90 10.23 -22.69
CA LEU B 111 44.99 9.29 -22.45
C LEU B 111 44.53 7.85 -22.49
N LYS B 112 44.41 7.24 -21.31
CA LYS B 112 44.07 5.82 -21.17
C LYS B 112 44.93 4.94 -22.09
N LYS B 113 44.27 4.03 -22.81
CA LYS B 113 44.96 3.13 -23.72
C LYS B 113 44.14 2.88 -24.98
N ALA B 114 44.47 3.62 -26.04
CA ALA B 114 43.77 3.49 -27.32
C ALA B 114 42.26 3.54 -27.18
N ASN B 115 41.76 4.60 -26.55
CA ASN B 115 40.32 4.77 -26.34
C ASN B 115 39.66 5.40 -27.56
N ILE B 116 40.48 6.01 -28.42
CA ILE B 116 39.99 6.66 -29.62
C ILE B 116 39.51 5.64 -30.65
N ILE B 117 40.33 4.60 -30.85
CA ILE B 117 40.00 3.55 -31.80
C ILE B 117 39.02 2.55 -31.20
N TYR B 118 39.19 2.26 -29.91
CA TYR B 118 38.31 1.30 -29.22
C TYR B 118 37.02 1.90 -28.59
N HIS B 119 37.22 2.91 -27.73
CA HIS B 119 36.00 3.38 -27.08
C HIS B 119 35.13 4.35 -27.89
N THR B 120 35.66 4.82 -29.03
CA THR B 120 34.92 5.68 -29.94
C THR B 120 33.88 4.74 -30.52
N THR B 121 34.34 3.54 -30.93
CA THR B 121 33.37 2.55 -31.42
C THR B 121 32.29 2.31 -30.34
N PHE B 122 32.65 2.13 -29.07
CA PHE B 122 31.63 1.88 -28.03
C PHE B 122 30.49 2.94 -27.91
N SER B 123 30.87 4.19 -27.70
CA SER B 123 29.93 5.29 -27.56
C SER B 123 28.93 5.41 -28.71
N TRP B 124 29.42 5.32 -29.93
CA TRP B 124 28.55 5.41 -31.11
C TRP B 124 27.44 4.37 -31.03
N LEU B 125 27.83 3.12 -30.81
CA LEU B 125 26.88 2.03 -30.70
C LEU B 125 25.84 2.34 -29.64
N ASN B 126 26.32 2.74 -28.45
CA ASN B 126 25.41 3.09 -27.36
C ASN B 126 24.35 4.14 -27.79
N ALA B 127 24.84 5.23 -28.38
CA ALA B 127 23.96 6.30 -28.83
C ALA B 127 22.93 5.81 -29.84
N GLU B 128 23.38 5.00 -30.80
CA GLU B 128 22.49 4.46 -31.82
C GLU B 128 21.37 3.66 -31.14
N LEU B 129 21.77 2.80 -30.21
CA LEU B 129 20.80 1.99 -29.47
C LEU B 129 19.75 2.89 -28.81
N LEU B 130 20.23 3.91 -28.09
CA LEU B 130 19.33 4.85 -27.43
C LEU B 130 18.32 5.46 -28.40
N ASP B 131 18.82 5.96 -29.53
CA ASP B 131 17.98 6.58 -30.55
C ASP B 131 16.89 5.61 -31.03
N TYR B 132 17.31 4.38 -31.32
CA TYR B 132 16.36 3.36 -31.79
C TYR B 132 15.27 3.14 -30.74
N LEU B 133 15.68 3.02 -29.49
CA LEU B 133 14.74 2.84 -28.39
C LEU B 133 13.72 3.97 -28.39
N PHE B 134 14.21 5.21 -28.46
CA PHE B 134 13.30 6.36 -28.47
C PHE B 134 12.29 6.28 -29.62
N HIS B 135 12.79 5.96 -30.81
CA HIS B 135 11.92 5.83 -31.98
C HIS B 135 10.81 4.82 -31.70
N LEU B 136 11.20 3.65 -31.20
CA LEU B 136 10.24 2.59 -30.87
C LEU B 136 9.19 3.11 -29.89
N LEU B 137 9.62 3.79 -28.84
CA LEU B 137 8.69 4.30 -27.84
C LEU B 137 7.59 5.19 -28.41
N ILE B 138 7.99 6.31 -28.99
CA ILE B 138 7.04 7.27 -29.55
C ILE B 138 6.20 6.68 -30.67
N SER B 139 6.81 5.89 -31.54
CA SER B 139 6.07 5.29 -32.64
C SER B 139 4.98 4.38 -32.09
N LEU B 140 5.34 3.57 -31.09
CA LEU B 140 4.38 2.66 -30.49
C LEU B 140 3.24 3.43 -29.85
N ASN B 141 3.58 4.53 -29.17
CA ASN B 141 2.55 5.34 -28.52
C ASN B 141 1.59 5.90 -29.56
N ILE B 142 2.14 6.38 -30.68
CA ILE B 142 1.33 6.94 -31.74
C ILE B 142 0.40 5.88 -32.30
N LEU B 143 0.93 4.68 -32.49
CA LEU B 143 0.14 3.59 -33.04
C LEU B 143 -1.02 3.26 -32.10
N PHE B 144 -0.72 3.24 -30.80
CA PHE B 144 -1.74 2.94 -29.81
C PHE B 144 -2.83 4.00 -29.85
N SER B 145 -2.42 5.26 -29.97
CA SER B 145 -3.38 6.36 -30.01
C SER B 145 -4.27 6.23 -31.24
N LEU B 146 -3.67 5.86 -32.37
CA LEU B 146 -4.41 5.68 -33.61
C LEU B 146 -5.42 4.55 -33.50
N TRP B 147 -5.03 3.47 -32.83
CA TRP B 147 -5.90 2.30 -32.70
C TRP B 147 -7.12 2.50 -31.79
N LYS B 148 -7.85 3.60 -32.00
CA LYS B 148 -9.04 3.90 -31.20
C LYS B 148 -10.02 4.82 -31.94
N LEU B 149 -9.52 5.76 -32.76
CA LEU B 149 -10.35 6.60 -33.63
C LEU B 149 -11.01 5.79 -34.77
N LEU B 150 -10.26 4.85 -35.36
CA LEU B 150 -10.69 3.99 -36.46
C LEU B 150 -11.50 2.77 -36.00
N SER B 151 -11.37 2.40 -34.72
CA SER B 151 -12.28 1.51 -34.00
C SER B 151 -13.56 2.29 -33.64
N THR B 152 -14.22 2.81 -34.68
CA THR B 152 -15.57 3.32 -34.62
C THR B 152 -16.46 2.19 -34.10
N VAL B 153 -16.79 2.29 -32.81
CA VAL B 153 -17.64 1.35 -32.08
C VAL B 153 -18.88 1.08 -32.92
N GLU C 105 -17.56 -17.85 -23.44
CA GLU C 105 -18.01 -16.48 -23.70
C GLU C 105 -16.84 -15.54 -23.99
N ILE C 106 -17.03 -14.54 -24.87
CA ILE C 106 -16.03 -13.50 -25.17
C ILE C 106 -15.46 -12.83 -23.89
N SER C 107 -16.32 -12.64 -22.88
CA SER C 107 -15.95 -12.10 -21.56
C SER C 107 -14.88 -12.96 -20.85
N LYS C 108 -15.03 -14.28 -20.92
CA LYS C 108 -14.16 -15.29 -20.32
C LYS C 108 -12.88 -15.47 -21.12
N GLN C 109 -12.95 -15.47 -22.46
CA GLN C 109 -11.77 -15.51 -23.32
C GLN C 109 -10.83 -14.33 -23.03
N ARG C 110 -11.37 -13.10 -22.96
CA ARG C 110 -10.62 -11.90 -22.55
C ARG C 110 -10.00 -12.05 -21.16
N THR C 111 -10.77 -12.59 -20.21
CA THR C 111 -10.31 -12.80 -18.83
C THR C 111 -9.16 -13.82 -18.79
N PHE C 112 -9.26 -14.92 -19.56
CA PHE C 112 -8.22 -15.94 -19.66
C PHE C 112 -6.92 -15.39 -20.27
N ALA C 113 -7.01 -14.61 -21.35
CA ALA C 113 -5.84 -13.95 -21.95
C ALA C 113 -5.15 -12.99 -20.97
N VAL C 114 -5.92 -12.22 -20.18
CA VAL C 114 -5.38 -11.34 -19.13
C VAL C 114 -4.75 -12.14 -17.99
N ILE C 115 -5.35 -13.26 -17.56
CA ILE C 115 -4.77 -14.15 -16.55
C ILE C 115 -3.45 -14.74 -17.04
N LEU C 116 -3.37 -15.21 -18.29
CA LEU C 116 -2.15 -15.79 -18.85
C LEU C 116 -1.03 -14.73 -18.95
N PHE C 117 -1.36 -13.50 -19.34
CA PHE C 117 -0.42 -12.37 -19.29
C PHE C 117 0.06 -12.08 -17.86
N LEU C 118 -0.84 -12.05 -16.87
CA LEU C 118 -0.46 -11.82 -15.47
C LEU C 118 0.47 -12.92 -14.94
N ILE C 119 0.24 -14.19 -15.31
CA ILE C 119 1.13 -15.30 -14.95
C ILE C 119 2.54 -15.08 -15.53
N ILE C 120 2.64 -14.68 -16.81
CA ILE C 120 3.93 -14.34 -17.45
C ILE C 120 4.62 -13.18 -16.71
N GLN C 121 3.90 -12.11 -16.38
CA GLN C 121 4.49 -10.97 -15.67
C GLN C 121 4.87 -11.30 -14.21
N CYS C 122 4.13 -12.17 -13.52
CA CYS C 122 4.52 -12.68 -12.20
C CYS C 122 5.81 -13.50 -12.27
N TYR C 123 5.96 -14.37 -13.27
CA TYR C 123 7.20 -15.11 -13.49
C TYR C 123 8.38 -14.17 -13.80
N LYS C 124 8.13 -13.10 -14.58
CA LYS C 124 9.13 -12.03 -14.83
C LYS C 124 9.56 -11.30 -13.56
N ILE C 125 8.63 -10.98 -12.66
CA ILE C 125 8.96 -10.34 -11.38
C ILE C 125 9.80 -11.27 -10.50
N TYR C 126 9.53 -12.59 -10.51
CA TYR C 126 10.35 -13.58 -9.81
C TYR C 126 11.79 -13.64 -10.36
N ASP C 127 11.95 -13.80 -11.67
CA ASP C 127 13.26 -13.80 -12.33
C ASP C 127 14.02 -12.47 -12.12
N LEU C 128 13.30 -11.34 -12.04
CA LEU C 128 13.88 -10.03 -11.73
C LEU C 128 14.40 -9.94 -10.29
N VAL C 129 13.67 -10.53 -9.32
CA VAL C 129 14.14 -10.60 -7.92
C VAL C 129 15.39 -11.49 -7.81
N ILE C 130 15.47 -12.59 -8.57
CA ILE C 130 16.69 -13.38 -8.72
C ILE C 130 17.82 -12.54 -9.32
N LEU C 131 17.54 -11.81 -10.41
CA LEU C 131 18.49 -10.93 -11.08
C LEU C 131 19.08 -9.87 -10.14
N LYS C 132 18.22 -9.21 -9.35
CA LYS C 132 18.61 -8.13 -8.44
C LYS C 132 19.19 -8.61 -7.11
N SER C 133 19.02 -9.88 -6.77
CA SER C 133 19.74 -10.56 -5.67
C SER C 133 21.07 -11.19 -6.11
N GLY C 134 21.45 -11.04 -7.39
CA GLY C 134 22.74 -11.53 -7.91
C GLY C 134 22.81 -13.06 -8.10
N LEU C 135 21.67 -13.75 -8.01
CA LEU C 135 21.60 -15.20 -8.21
C LEU C 135 21.67 -15.55 -9.71
N PRO C 136 22.27 -16.70 -10.08
CA PRO C 136 22.45 -17.08 -11.47
C PRO C 136 21.12 -17.40 -12.15
N LEU C 137 20.70 -16.52 -13.06
CA LEU C 137 19.88 -16.92 -14.20
C LEU C 137 20.77 -17.49 -15.30
N SER C 138 20.14 -18.10 -16.31
CA SER C 138 20.88 -18.70 -17.41
C SER C 138 20.64 -17.96 -18.72
N GLY C 139 21.34 -16.84 -18.90
CA GLY C 139 21.22 -16.04 -20.11
C GLY C 139 19.78 -15.69 -20.42
N LEU C 140 19.38 -15.89 -21.68
CA LEU C 140 18.15 -15.94 -22.46
C LEU C 140 17.87 -17.36 -22.92
N LEU C 141 18.81 -17.96 -23.65
CA LEU C 141 18.63 -19.33 -24.14
C LEU C 141 19.96 -20.09 -24.26
N PHE C 142 20.81 -19.72 -25.22
CA PHE C 142 22.07 -20.41 -25.44
C PHE C 142 23.16 -19.46 -25.94
N LYS C 143 24.42 -19.88 -25.83
CA LYS C 143 25.56 -19.08 -26.29
C LYS C 143 26.09 -19.45 -27.70
N ASN C 144 25.46 -20.42 -28.37
CA ASN C 144 25.90 -20.82 -29.71
C ASN C 144 25.27 -19.92 -30.79
N TYR C 145 26.07 -19.02 -31.34
CA TYR C 145 25.71 -18.08 -32.42
C TYR C 145 24.95 -18.74 -33.59
N ARG C 146 25.33 -19.95 -34.01
CA ARG C 146 24.65 -20.73 -35.08
C ARG C 146 23.23 -21.13 -34.70
N PHE C 147 23.05 -21.65 -33.49
CA PHE C 147 21.70 -22.01 -33.01
C PHE C 147 20.83 -20.75 -32.86
N ASN C 148 21.46 -19.62 -32.49
CA ASN C 148 20.78 -18.34 -32.44
C ASN C 148 20.26 -17.90 -33.82
N PHE C 149 21.08 -17.99 -34.87
CA PHE C 149 20.67 -17.76 -36.26
C PHE C 149 19.53 -18.69 -36.69
N ILE C 150 19.67 -19.99 -36.48
CA ILE C 150 18.68 -20.99 -36.88
C ILE C 150 17.33 -20.74 -36.16
N SER C 151 17.35 -20.49 -34.86
CA SER C 151 16.12 -20.21 -34.09
C SER C 151 15.45 -18.88 -34.47
N LYS C 152 16.24 -17.81 -34.66
CA LYS C 152 15.75 -16.50 -35.11
C LYS C 152 15.04 -16.59 -36.47
N TYR C 153 15.67 -17.23 -37.46
CA TYR C 153 15.06 -17.37 -38.78
C TYR C 153 14.00 -18.45 -38.87
N PHE C 154 14.05 -19.49 -38.05
CA PHE C 154 12.92 -20.41 -37.89
C PHE C 154 11.66 -19.66 -37.44
N ILE C 155 11.75 -18.76 -36.45
CA ILE C 155 10.60 -17.95 -36.01
C ILE C 155 10.13 -17.00 -37.13
N ILE C 156 11.04 -16.25 -37.75
CA ILE C 156 10.69 -15.24 -38.77
C ILE C 156 10.12 -15.87 -40.06
N ASP C 157 10.78 -16.88 -40.63
CA ASP C 157 10.31 -17.55 -41.85
C ASP C 157 9.00 -18.31 -41.58
N SER C 158 8.87 -18.97 -40.42
CA SER C 158 7.62 -19.68 -40.06
C SER C 158 6.46 -18.72 -39.90
N PHE C 159 6.67 -17.59 -39.22
CA PHE C 159 5.62 -16.57 -39.07
C PHE C 159 5.17 -16.02 -40.42
N PHE C 160 6.11 -15.68 -41.30
CA PHE C 160 5.79 -15.19 -42.65
C PHE C 160 5.00 -16.23 -43.47
N LEU C 161 5.50 -17.48 -43.55
CA LEU C 161 4.87 -18.53 -44.33
C LEU C 161 3.51 -18.98 -43.75
N TYR C 162 3.34 -18.91 -42.43
CA TYR C 162 2.07 -19.25 -41.77
C TYR C 162 0.98 -18.18 -41.99
N VAL C 163 1.35 -16.90 -41.97
CA VAL C 163 0.42 -15.77 -42.15
C VAL C 163 0.11 -15.51 -43.64
N LEU C 164 1.00 -15.86 -44.56
CA LEU C 164 0.86 -15.60 -45.99
C LEU C 164 -0.41 -16.23 -46.64
N PRO C 165 -0.82 -17.48 -46.34
CA PRO C 165 -2.11 -18.03 -46.75
C PRO C 165 -3.31 -17.25 -46.20
N SER C 166 -3.21 -16.68 -44.99
CA SER C 166 -4.31 -15.95 -44.35
C SER C 166 -4.72 -14.68 -45.12
N PHE C 167 -3.87 -14.14 -46.00
CA PHE C 167 -4.24 -13.03 -46.87
C PHE C 167 -5.11 -13.43 -48.08
N ASN C 168 -5.24 -14.74 -48.31
CA ASN C 168 -6.01 -15.29 -49.43
C ASN C 168 -5.74 -14.58 -50.76
N ILE C 169 -4.48 -14.23 -50.99
CA ILE C 169 -4.08 -13.49 -52.18
C ILE C 169 -3.56 -14.37 -53.33
N PRO C 170 -4.29 -14.40 -54.46
CA PRO C 170 -3.81 -15.17 -55.61
C PRO C 170 -3.27 -14.25 -56.70
N ARG C 171 -2.66 -13.14 -56.29
CA ARG C 171 -3.09 -11.81 -56.71
C ARG C 171 -1.94 -10.97 -57.25
N LEU C 172 -1.66 -11.08 -58.55
CA LEU C 172 -0.60 -10.31 -59.17
C LEU C 172 -1.20 -9.28 -60.12
N THR C 173 -1.86 -8.28 -59.55
CA THR C 173 -2.50 -7.25 -60.36
C THR C 173 -2.47 -5.86 -59.68
N PHE C 174 -1.44 -5.07 -59.94
CA PHE C 174 -1.37 -3.74 -59.34
C PHE C 174 -1.95 -2.67 -60.28
N LYS C 175 -2.46 -1.59 -59.71
CA LYS C 175 -2.92 -0.46 -60.51
C LYS C 175 -1.64 0.19 -61.07
N PRO C 176 -1.69 0.74 -62.32
CA PRO C 176 -0.56 1.29 -63.08
C PRO C 176 0.85 1.45 -62.44
N TRP C 177 0.95 2.12 -61.30
CA TRP C 177 2.24 2.28 -60.63
C TRP C 177 2.12 2.01 -59.14
N VAL C 178 2.47 0.79 -58.71
CA VAL C 178 2.36 0.45 -57.29
C VAL C 178 3.44 -0.47 -56.70
N VAL C 179 4.23 0.12 -55.80
CA VAL C 179 5.33 -0.49 -55.01
C VAL C 179 6.41 -1.48 -55.52
N TYR C 180 7.18 -1.93 -54.53
CA TYR C 180 8.33 -2.83 -54.57
C TYR C 180 9.45 -2.25 -55.42
N LEU C 181 9.09 -1.76 -56.61
CA LEU C 181 10.06 -1.17 -57.53
C LEU C 181 10.80 -0.01 -56.88
N GLN C 182 10.05 0.88 -56.24
CA GLN C 182 10.63 2.03 -55.58
C GLN C 182 11.65 1.61 -54.52
N ILE C 183 11.27 0.65 -53.70
CA ILE C 183 12.15 0.15 -52.64
C ILE C 183 13.47 -0.37 -53.22
N LEU C 184 13.37 -1.17 -54.27
CA LEU C 184 14.55 -1.74 -54.93
C LEU C 184 15.49 -0.64 -55.40
N ALA C 185 14.89 0.27 -56.17
CA ALA C 185 15.57 1.40 -56.83
C ALA C 185 16.46 2.29 -55.98
N MET C 186 15.84 3.29 -55.35
CA MET C 186 16.55 4.26 -54.50
C MET C 186 17.49 3.56 -53.53
N LEU C 187 16.95 2.60 -52.79
CA LEU C 187 17.72 1.82 -51.84
C LEU C 187 19.00 1.25 -52.44
N LEU C 188 18.88 0.40 -53.47
CA LEU C 188 20.10 -0.21 -54.02
C LEU C 188 21.03 0.78 -54.70
N LEU C 189 20.46 1.84 -55.28
CA LEU C 189 21.27 2.84 -55.94
C LEU C 189 22.19 3.40 -54.88
N ASN C 190 21.57 3.84 -53.79
CA ASN C 190 22.28 4.39 -52.65
C ASN C 190 23.33 3.40 -52.17
N ILE C 191 22.94 2.14 -51.99
CA ILE C 191 23.85 1.10 -51.54
C ILE C 191 25.10 1.04 -52.41
N PHE C 192 24.91 0.83 -53.71
CA PHE C 192 26.03 0.73 -54.64
C PHE C 192 26.91 1.96 -54.58
N ILE C 193 26.29 3.13 -54.60
CA ILE C 193 27.01 4.39 -54.56
C ILE C 193 27.91 4.42 -53.35
N SER C 194 27.31 4.20 -52.19
CA SER C 194 28.01 4.19 -50.92
C SER C 194 29.18 3.23 -50.98
N SER C 195 28.94 2.00 -51.42
CA SER C 195 29.98 0.99 -51.53
C SER C 195 31.18 1.51 -52.33
N ASP C 196 30.92 1.93 -53.57
CA ASP C 196 31.99 2.41 -54.43
C ASP C 196 32.75 3.56 -53.78
N HIS C 197 31.99 4.51 -53.25
CA HIS C 197 32.54 5.68 -52.59
C HIS C 197 33.50 5.24 -51.50
N GLU C 198 33.01 4.42 -50.59
CA GLU C 198 33.80 3.90 -49.47
C GLU C 198 35.07 3.26 -49.97
N PHE C 199 34.95 2.38 -50.96
CA PHE C 199 36.11 1.69 -51.53
C PHE C 199 37.18 2.69 -51.96
N VAL C 200 36.81 3.60 -52.86
CA VAL C 200 37.74 4.61 -53.35
C VAL C 200 38.33 5.43 -52.21
N LEU C 201 37.45 5.85 -51.30
CA LEU C 201 37.77 6.62 -50.12
C LEU C 201 38.90 5.95 -49.41
N ILE C 202 38.72 4.70 -48.96
CA ILE C 202 39.76 3.96 -48.24
C ILE C 202 41.03 3.96 -49.06
N SER C 203 40.89 3.51 -50.31
CA SER C 203 41.99 3.44 -51.26
C SER C 203 42.90 4.68 -51.34
N LEU C 204 42.34 5.89 -51.30
CA LEU C 204 43.21 7.07 -51.39
C LEU C 204 43.14 8.05 -50.21
N ILE C 205 42.53 7.65 -49.11
CA ILE C 205 42.38 8.53 -47.94
C ILE C 205 42.78 7.86 -46.63
N MET C 206 43.33 6.64 -46.74
CA MET C 206 43.96 5.84 -45.69
C MET C 206 45.29 5.19 -46.05
N THR C 207 45.27 4.35 -47.08
CA THR C 207 46.45 3.60 -47.55
C THR C 207 47.62 4.55 -47.76
N THR C 208 47.36 5.67 -48.43
CA THR C 208 48.39 6.67 -48.71
C THR C 208 49.02 7.17 -47.41
N TRP C 209 48.17 7.52 -46.45
CA TRP C 209 48.65 8.02 -45.16
C TRP C 209 49.58 7.02 -44.48
N ARG C 210 49.17 5.76 -44.46
CA ARG C 210 49.96 4.70 -43.84
C ARG C 210 51.34 4.61 -44.48
N LYS C 211 51.37 4.62 -45.81
CA LYS C 211 52.63 4.52 -46.55
C LYS C 211 53.57 5.67 -46.17
N LEU C 212 53.04 6.89 -46.14
CA LEU C 212 53.83 8.06 -45.79
C LEU C 212 54.45 7.91 -44.40
N TYR C 213 53.65 7.49 -43.44
CA TYR C 213 54.12 7.30 -42.07
C TYR C 213 55.28 6.32 -42.01
N THR C 214 55.13 5.19 -42.70
CA THR C 214 56.16 4.17 -42.73
C THR C 214 57.47 4.73 -43.27
N VAL D 46 -33.84 -16.29 -12.31
CA VAL D 46 -32.91 -17.39 -11.98
C VAL D 46 -31.48 -17.05 -12.41
N LEU D 47 -31.27 -16.44 -13.58
CA LEU D 47 -29.94 -16.02 -14.04
C LEU D 47 -29.37 -14.86 -13.20
N LYS D 48 -30.22 -13.90 -12.81
CA LYS D 48 -29.85 -12.81 -11.88
C LYS D 48 -29.47 -13.35 -10.49
N GLU D 49 -30.21 -14.34 -10.00
CA GLU D 49 -29.97 -14.96 -8.71
C GLU D 49 -28.74 -15.89 -8.74
N LEU D 50 -28.51 -16.60 -9.84
CA LEU D 50 -27.28 -17.39 -10.05
C LEU D 50 -26.04 -16.49 -10.16
N SER D 51 -26.08 -15.38 -10.91
CA SER D 51 -24.93 -14.46 -11.00
C SER D 51 -24.63 -13.81 -9.66
N ARG D 52 -25.66 -13.37 -8.91
CA ARG D 52 -25.51 -12.89 -7.53
C ARG D 52 -24.87 -13.95 -6.62
N ARG D 53 -25.27 -15.23 -6.73
CA ARG D 53 -24.68 -16.34 -5.96
C ARG D 53 -23.23 -16.61 -6.34
N THR D 54 -22.86 -16.54 -7.61
CA THR D 54 -21.47 -16.71 -8.06
C THR D 54 -20.59 -15.59 -7.51
N VAL D 55 -21.01 -14.32 -7.65
CA VAL D 55 -20.27 -13.16 -7.11
C VAL D 55 -20.18 -13.22 -5.59
N ASN D 56 -21.22 -13.66 -4.88
CA ASN D 56 -21.15 -13.83 -3.42
C ASN D 56 -20.17 -14.96 -3.02
N LYS D 57 -20.17 -16.10 -3.74
CA LYS D 57 -19.21 -17.19 -3.51
C LYS D 57 -17.77 -16.74 -3.79
N GLU D 58 -17.53 -15.96 -4.84
CA GLU D 58 -16.21 -15.39 -5.15
C GLU D 58 -15.75 -14.41 -4.07
N MET D 59 -16.63 -13.52 -3.59
CA MET D 59 -16.30 -12.63 -2.47
C MET D 59 -15.99 -13.41 -1.18
N GLU D 60 -16.68 -14.52 -0.94
CA GLU D 60 -16.39 -15.39 0.20
C GLU D 60 -15.05 -16.13 0.05
N THR D 61 -14.71 -16.67 -1.13
CA THR D 61 -13.39 -17.28 -1.36
C THR D 61 -12.26 -16.25 -1.30
N GLN D 62 -12.48 -15.02 -1.77
CA GLN D 62 -11.52 -13.92 -1.64
C GLN D 62 -11.24 -13.59 -0.17
N ARG D 63 -12.28 -13.49 0.68
CA ARG D 63 -12.10 -13.28 2.13
C ARG D 63 -11.31 -14.40 2.80
N ILE D 64 -11.54 -15.66 2.41
CA ILE D 64 -10.77 -16.81 2.90
C ILE D 64 -9.29 -16.65 2.50
N MET D 65 -9.01 -16.31 1.25
CA MET D 65 -7.65 -16.09 0.76
C MET D 65 -6.95 -14.93 1.48
N THR D 66 -7.63 -13.81 1.71
CA THR D 66 -7.10 -12.68 2.49
C THR D 66 -6.75 -13.10 3.93
N ASN D 67 -7.59 -13.90 4.58
CA ASN D 67 -7.32 -14.40 5.93
C ASN D 67 -6.10 -15.36 5.97
N VAL D 68 -5.92 -16.21 4.96
CA VAL D 68 -4.73 -17.08 4.83
C VAL D 68 -3.46 -16.25 4.64
N ILE D 69 -3.52 -15.20 3.81
CA ILE D 69 -2.40 -14.27 3.60
C ILE D 69 -2.06 -13.51 4.89
N ALA D 70 -3.07 -13.01 5.61
CA ALA D 70 -2.89 -12.34 6.90
C ALA D 70 -2.25 -13.26 7.96
N PHE D 71 -2.66 -14.54 8.01
CA PHE D 71 -2.03 -15.54 8.88
C PHE D 71 -0.55 -15.80 8.51
N ALA D 72 -0.23 -15.88 7.21
CA ALA D 72 1.15 -16.02 6.75
C ALA D 72 2.03 -14.81 7.13
N PHE D 73 1.52 -13.59 6.95
CA PHE D 73 2.20 -12.35 7.38
C PHE D 73 2.41 -12.31 8.89
N TRP D 74 1.42 -12.74 9.69
CA TRP D 74 1.58 -12.80 11.15
C TRP D 74 2.65 -13.82 11.57
N ASN D 75 2.65 -15.02 10.96
CA ASN D 75 3.67 -16.04 11.25
C ASN D 75 5.08 -15.52 10.93
N LEU D 76 5.23 -14.80 9.80
CA LEU D 76 6.48 -14.14 9.42
C LEU D 76 6.86 -13.02 10.39
N LEU D 77 5.90 -12.22 10.87
CA LEU D 77 6.14 -11.16 11.87
C LEU D 77 6.61 -11.75 13.22
N VAL D 78 5.98 -12.82 13.71
CA VAL D 78 6.40 -13.50 14.95
C VAL D 78 7.81 -14.09 14.81
N LYS D 79 8.12 -14.73 13.67
CA LYS D 79 9.47 -15.21 13.37
C LYS D 79 10.49 -14.08 13.29
N PHE D 80 10.13 -12.96 12.66
CA PHE D 80 10.96 -11.77 12.58
C PHE D 80 11.25 -11.18 13.97
N ILE D 81 10.24 -11.08 14.84
CA ILE D 81 10.41 -10.60 16.22
C ILE D 81 11.33 -11.54 17.02
N LYS D 82 11.09 -12.87 16.98
CA LYS D 82 11.95 -13.87 17.65
C LYS D 82 13.39 -13.82 17.12
N PHE D 83 13.54 -13.71 15.80
CA PHE D 83 14.86 -13.67 15.18
C PHE D 83 15.56 -12.33 15.42
N PHE D 84 14.77 -11.28 15.64
CA PHE D 84 15.31 -9.95 15.89
C PHE D 84 15.58 -9.73 17.38
N TRP D 85 15.22 -10.73 18.18
CA TRP D 85 15.43 -10.72 19.62
C TRP D 85 15.94 -12.09 20.08
N ASN D 86 16.23 -12.98 19.12
CA ASN D 86 16.70 -14.32 19.41
C ASN D 86 17.86 -14.80 18.53
N ASN D 87 18.57 -15.82 19.01
CA ASN D 87 19.70 -16.45 18.33
C ASN D 87 20.85 -15.51 18.00
N THR D 88 21.13 -14.58 18.92
CA THR D 88 22.21 -13.62 18.76
C THR D 88 22.85 -13.37 20.12
N HIS D 89 24.06 -12.81 20.14
CA HIS D 89 24.75 -12.49 21.38
C HIS D 89 23.81 -11.60 22.18
N VAL D 90 22.86 -11.03 21.45
CA VAL D 90 21.80 -10.18 21.98
C VAL D 90 20.65 -11.04 22.52
N GLY D 91 20.51 -12.23 21.94
CA GLY D 91 19.46 -13.15 22.36
C GLY D 91 19.64 -13.56 23.80
N ARG D 92 20.87 -13.89 24.17
CA ARG D 92 21.18 -14.29 25.55
C ARG D 92 21.04 -13.09 26.48
N GLN D 93 21.48 -11.94 25.96
CA GLN D 93 21.41 -10.68 26.69
C GLN D 93 19.94 -10.34 26.80
N PHE D 94 19.20 -10.58 25.73
CA PHE D 94 17.76 -10.35 25.69
C PHE D 94 17.11 -11.32 26.67
N CYS D 95 17.58 -12.57 26.63
CA CYS D 95 17.10 -13.61 27.52
C CYS D 95 17.46 -13.27 28.97
N ASN D 96 18.63 -12.69 29.18
CA ASN D 96 19.07 -12.29 30.51
C ASN D 96 18.15 -11.20 31.04
N ARG D 97 17.76 -10.28 30.15
CA ARG D 97 16.86 -9.19 30.50
C ARG D 97 15.49 -9.76 30.84
N LEU D 98 15.07 -10.79 30.11
CA LEU D 98 13.80 -11.46 30.36
C LEU D 98 13.84 -12.10 31.75
N SER D 99 14.97 -12.71 32.08
CA SER D 99 15.16 -13.35 33.38
C SER D 99 15.16 -12.31 34.50
N ARG D 100 15.72 -11.14 34.21
CA ARG D 100 15.76 -10.03 35.15
C ARG D 100 14.34 -9.55 35.39
N ILE D 101 13.52 -9.52 34.33
CA ILE D 101 12.12 -9.12 34.42
C ILE D 101 11.36 -10.14 35.26
N HIS D 102 11.71 -11.42 35.10
CA HIS D 102 11.09 -12.49 35.86
C HIS D 102 11.43 -12.31 37.34
N LEU D 103 12.67 -11.92 37.63
CA LEU D 103 13.13 -11.69 39.00
C LEU D 103 12.42 -10.46 39.59
N TYR D 104 12.16 -9.48 38.73
CA TYR D 104 11.47 -8.26 39.10
C TYR D 104 10.03 -8.58 39.45
N MET D 105 9.44 -9.54 38.74
CA MET D 105 8.06 -9.95 38.99
C MET D 105 7.99 -10.95 40.16
N LEU D 106 9.14 -11.51 40.53
CA LEU D 106 9.23 -12.46 41.61
C LEU D 106 9.65 -11.85 42.95
N THR D 107 10.33 -10.71 42.93
CA THR D 107 10.74 -10.14 44.20
C THR D 107 10.08 -8.76 44.34
N PHE D 108 10.22 -7.95 43.31
CA PHE D 108 9.64 -6.61 43.26
C PHE D 108 9.87 -5.77 44.52
N HIS D 109 11.11 -5.76 44.99
CA HIS D 109 11.63 -4.70 45.86
C HIS D 109 10.75 -4.39 47.07
N THR D 110 11.32 -3.71 48.06
CA THR D 110 10.58 -3.34 49.27
C THR D 110 11.23 -2.14 49.96
N LEU D 111 11.09 -0.96 49.35
CA LEU D 111 11.67 0.25 49.92
C LEU D 111 10.98 1.51 49.40
N LYS D 112 11.66 2.21 48.48
CA LYS D 112 11.19 3.49 47.96
C LYS D 112 10.75 4.44 49.06
N LYS D 113 9.57 5.04 48.89
CA LYS D 113 9.04 5.97 49.89
C LYS D 113 7.52 5.83 50.01
N ALA D 114 7.10 5.08 51.02
CA ALA D 114 5.67 4.84 51.29
C ALA D 114 4.91 4.40 50.03
N ASN D 115 5.39 3.34 49.39
CA ASN D 115 4.76 2.82 48.19
C ASN D 115 3.61 1.89 48.53
N ILE D 116 3.59 1.40 49.77
CA ILE D 116 2.54 0.50 50.23
C ILE D 116 1.21 1.22 50.38
N ILE D 117 1.25 2.41 50.99
CA ILE D 117 0.06 3.21 51.21
C ILE D 117 -0.32 3.98 49.95
N TYR D 118 0.69 4.47 49.23
CA TYR D 118 0.45 5.24 47.99
C TYR D 118 0.34 4.39 46.69
N HIS D 119 1.38 3.60 46.43
CA HIS D 119 1.29 2.90 45.16
C HIS D 119 0.43 1.63 45.14
N THR D 120 -0.01 1.19 46.31
CA THR D 120 -0.91 0.05 46.42
C THR D 120 -2.21 0.58 45.87
N THR D 121 -2.58 1.80 46.32
CA THR D 121 -3.78 2.43 45.76
C THR D 121 -3.66 2.51 44.21
N PHE D 122 -2.52 2.95 43.67
CA PHE D 122 -2.38 3.03 42.20
C PHE D 122 -2.68 1.74 41.39
N SER D 123 -1.95 0.68 41.71
CA SER D 123 -2.10 -0.62 41.04
C SER D 123 -3.53 -1.14 41.02
N TRP D 124 -4.22 -1.07 42.15
CA TRP D 124 -5.59 -1.55 42.23
C TRP D 124 -6.47 -0.84 41.21
N LEU D 125 -6.40 0.48 41.20
CA LEU D 125 -7.17 1.29 40.26
C LEU D 125 -6.87 0.85 38.83
N ASN D 126 -5.57 0.74 38.51
CA ASN D 126 -5.18 0.30 37.17
C ASN D 126 -5.84 -1.03 36.77
N ALA D 127 -5.72 -2.02 37.65
CA ALA D 127 -6.29 -3.35 37.40
C ALA D 127 -7.80 -3.27 37.18
N GLU D 128 -8.49 -2.51 38.03
CA GLU D 128 -9.93 -2.35 37.91
C GLU D 128 -10.28 -1.81 36.53
N LEU D 129 -9.57 -0.75 36.13
CA LEU D 129 -9.78 -0.15 34.81
C LEU D 129 -9.64 -1.21 33.73
N LEU D 130 -8.54 -1.96 33.77
CA LEU D 130 -8.31 -3.01 32.78
C LEU D 130 -9.47 -3.99 32.70
N ASP D 131 -9.91 -4.48 33.86
CA ASP D 131 -11.02 -5.43 33.93
C ASP D 131 -12.29 -4.86 33.28
N TYR D 132 -12.60 -3.60 33.62
CA TYR D 132 -13.78 -2.94 33.05
C TYR D 132 -13.67 -2.89 31.53
N LEU D 133 -12.50 -2.50 31.04
CA LEU D 133 -12.25 -2.44 29.61
C LEU D 133 -12.54 -3.79 28.96
N PHE D 134 -11.99 -4.86 29.55
CA PHE D 134 -12.21 -6.21 29.01
C PHE D 134 -13.71 -6.55 28.95
N HIS D 135 -14.43 -6.25 30.03
CA HIS D 135 -15.86 -6.51 30.09
C HIS D 135 -16.56 -5.81 28.92
N LEU D 136 -16.27 -4.52 28.76
CA LEU D 136 -16.85 -3.73 27.68
C LEU D 136 -16.57 -4.38 26.33
N LEU D 137 -15.32 -4.76 26.12
CA LEU D 137 -14.90 -5.44 24.89
C LEU D 137 -15.80 -6.64 24.62
N ILE D 138 -15.91 -7.56 25.58
CA ILE D 138 -16.77 -8.74 25.39
C ILE D 138 -18.21 -8.39 25.04
N SER D 139 -18.79 -7.39 25.71
CA SER D 139 -20.19 -7.02 25.46
C SER D 139 -20.60 -6.79 23.98
N LEU D 140 -19.81 -5.97 23.29
CA LEU D 140 -20.09 -5.62 21.90
C LEU D 140 -20.10 -6.83 20.98
N ASN D 141 -19.18 -7.76 21.18
CA ASN D 141 -19.13 -8.94 20.33
C ASN D 141 -20.42 -9.74 20.46
N ILE D 142 -20.89 -9.91 21.70
CA ILE D 142 -22.12 -10.66 21.94
C ILE D 142 -23.30 -9.95 21.29
N LEU D 143 -23.31 -8.62 21.40
CA LEU D 143 -24.41 -7.86 20.81
C LEU D 143 -24.42 -8.08 19.29
N PHE D 144 -23.24 -8.04 18.67
CA PHE D 144 -23.11 -8.22 17.23
C PHE D 144 -23.56 -9.61 16.82
N SER D 145 -23.22 -10.59 17.64
CA SER D 145 -23.58 -11.98 17.41
C SER D 145 -25.09 -12.18 17.43
N LEU D 146 -25.80 -11.51 18.34
CA LEU D 146 -27.26 -11.69 18.40
C LEU D 146 -28.03 -11.02 17.24
N TRP D 147 -28.34 -9.75 17.49
CA TRP D 147 -29.02 -8.72 16.69
C TRP D 147 -29.08 -9.12 15.23
N LYS D 148 -28.00 -9.68 14.65
CA LYS D 148 -28.01 -10.18 13.28
C LYS D 148 -28.90 -11.42 13.12
N LEU D 149 -28.98 -12.29 14.13
CA LEU D 149 -29.91 -13.42 14.15
C LEU D 149 -31.38 -12.97 14.25
N LEU D 150 -31.66 -11.95 15.08
CA LEU D 150 -32.98 -11.38 15.33
C LEU D 150 -33.42 -10.38 14.25
N SER D 151 -32.46 -9.82 13.50
CA SER D 151 -32.68 -9.12 12.23
C SER D 151 -32.94 -10.16 11.14
N THR D 152 -33.98 -10.96 11.35
CA THR D 152 -34.60 -11.81 10.33
C THR D 152 -35.01 -10.91 9.18
N VAL D 153 -34.19 -10.92 8.13
CA VAL D 153 -34.38 -10.16 6.90
C VAL D 153 -35.82 -10.33 6.43
#